data_4Q28
#
_entry.id   4Q28
#
_cell.length_a   68.237
_cell.length_b   68.237
_cell.length_c   192.587
_cell.angle_alpha   90.000
_cell.angle_beta   90.000
_cell.angle_gamma   120.000
#
_symmetry.space_group_name_H-M   'P 31 2 1'
#
loop_
_entity.id
_entity.type
_entity.pdbx_description
1 polymer Periplakin
2 water water
#
_entity_poly.entity_id   1
_entity_poly.type   'polypeptide(L)'
_entity_poly.pdbx_seq_one_letter_code
;(MSE)GHHHHHHSH(MSE)RRSIVVIHPDTGRELSPEEAHRAGLIDWN(MSE)FVKLRSQECDWEEISVKGPNGESSVIH
DRKSGKKFSIEEALQSGRLTPAQYDRYVNKD(MSE)SIQELAVLVSGQK
;
_entity_poly.pdbx_strand_id   A,B,C,D
#
# COMPACT_ATOMS: atom_id res chain seq x y z
N GLY A 2 24.72 23.29 -4.36
CA GLY A 2 24.17 22.20 -3.49
C GLY A 2 22.67 21.99 -3.67
N HIS A 3 22.22 20.73 -3.58
CA HIS A 3 20.80 20.44 -3.74
C HIS A 3 20.22 19.49 -2.67
N HIS A 4 18.90 19.48 -2.57
CA HIS A 4 18.21 18.64 -1.58
C HIS A 4 18.48 17.15 -1.79
N HIS A 5 18.60 16.42 -0.69
CA HIS A 5 18.84 14.99 -0.72
C HIS A 5 17.72 14.34 0.05
N HIS A 6 17.18 13.23 -0.42
CA HIS A 6 16.14 12.54 0.33
C HIS A 6 16.74 11.20 0.72
N HIS A 7 16.87 10.98 2.02
CA HIS A 7 17.42 9.73 2.52
C HIS A 7 16.30 8.81 2.91
N HIS A 8 16.27 7.64 2.28
CA HIS A 8 15.23 6.67 2.58
C HIS A 8 15.87 5.48 3.28
N SER A 9 15.26 5.06 4.38
CA SER A 9 15.68 3.90 5.19
C SER A 9 14.36 3.18 5.27
N HIS A 10 14.25 2.12 4.48
CA HIS A 10 13.00 1.37 4.40
C HIS A 10 13.25 -0.09 4.77
N ARG A 12 11.06 -3.95 5.46
CA ARG A 12 9.78 -4.63 5.29
C ARG A 12 9.88 -6.12 5.58
N ARG A 13 8.81 -6.67 6.16
CA ARG A 13 8.77 -8.09 6.47
C ARG A 13 7.50 -8.62 5.85
N SER A 14 7.64 -9.49 4.87
CA SER A 14 6.45 -10.03 4.25
C SER A 14 6.51 -11.56 4.28
N ILE A 15 5.37 -12.17 4.03
CA ILE A 15 5.26 -13.62 4.06
C ILE A 15 4.54 -14.08 2.80
N VAL A 16 5.06 -15.12 2.16
CA VAL A 16 4.42 -15.64 0.96
C VAL A 16 4.05 -17.13 1.17
N VAL A 17 2.86 -17.51 0.70
CA VAL A 17 2.39 -18.90 0.83
C VAL A 17 2.46 -19.64 -0.49
N ILE A 18 3.30 -20.66 -0.56
CA ILE A 18 3.49 -21.44 -1.76
C ILE A 18 2.34 -22.41 -2.06
N HIS A 19 1.78 -22.31 -3.26
CA HIS A 19 0.70 -23.21 -3.64
C HIS A 19 1.27 -24.61 -3.83
N PRO A 20 0.62 -25.63 -3.26
CA PRO A 20 1.07 -27.03 -3.37
C PRO A 20 1.18 -27.55 -4.80
N ASP A 21 0.32 -27.04 -5.68
CA ASP A 21 0.30 -27.49 -7.06
C ASP A 21 1.02 -26.54 -8.02
N THR A 22 0.50 -25.33 -8.18
CA THR A 22 1.14 -24.38 -9.09
C THR A 22 2.46 -23.84 -8.53
N GLY A 23 2.77 -24.21 -7.28
CA GLY A 23 4.01 -23.76 -6.67
C GLY A 23 4.14 -22.24 -6.68
N ARG A 24 3.06 -21.56 -7.07
CA ARG A 24 3.03 -20.10 -7.17
C ARG A 24 3.09 -19.46 -5.77
N GLU A 25 3.70 -18.27 -5.70
CA GLU A 25 3.79 -17.53 -4.44
C GLU A 25 2.50 -16.74 -4.22
N LEU A 26 1.82 -17.01 -3.10
CA LEU A 26 0.58 -16.32 -2.80
C LEU A 26 0.72 -15.43 -1.58
N SER A 27 -0.04 -14.34 -1.56
CA SER A 27 0.00 -13.45 -0.42
C SER A 27 -0.97 -14.07 0.58
N PRO A 28 -0.72 -13.87 1.88
CA PRO A 28 -1.62 -14.44 2.88
C PRO A 28 -3.06 -14.21 2.45
N GLU A 29 -3.30 -13.05 1.86
CA GLU A 29 -4.61 -12.68 1.38
C GLU A 29 -5.13 -13.64 0.31
N GLU A 30 -4.33 -13.85 -0.73
CA GLU A 30 -4.69 -14.75 -1.83
C GLU A 30 -4.78 -16.21 -1.42
N ALA A 31 -3.93 -16.61 -0.48
CA ALA A 31 -3.93 -17.97 0.03
C ALA A 31 -5.28 -18.23 0.66
N HIS A 32 -5.73 -17.25 1.45
CA HIS A 32 -7.01 -17.34 2.12
C HIS A 32 -8.17 -17.47 1.13
N ARG A 33 -8.08 -16.81 -0.01
CA ARG A 33 -9.15 -16.92 -1.01
C ARG A 33 -9.04 -18.23 -1.79
N ALA A 34 -7.86 -18.84 -1.74
CA ALA A 34 -7.62 -20.09 -2.44
C ALA A 34 -7.82 -21.22 -1.45
N GLY A 35 -8.34 -20.87 -0.28
CA GLY A 35 -8.60 -21.87 0.74
C GLY A 35 -7.38 -22.60 1.27
N LEU A 36 -6.19 -22.08 1.00
CA LEU A 36 -5.00 -22.75 1.48
C LEU A 36 -4.75 -22.51 2.96
N ILE A 37 -5.47 -21.54 3.52
CA ILE A 37 -5.36 -21.20 4.95
C ILE A 37 -6.66 -20.63 5.48
N ASP A 38 -6.93 -20.91 6.75
CA ASP A 38 -8.15 -20.44 7.41
C ASP A 38 -7.96 -19.05 7.98
N TRP A 39 -9.08 -18.36 8.16
CA TRP A 39 -9.07 -17.01 8.68
C TRP A 39 -8.10 -16.66 9.82
N ASN A 40 -8.01 -17.50 10.85
CA ASN A 40 -7.12 -17.19 11.98
C ASN A 40 -5.63 -17.34 11.67
N PHE A 42 -4.58 -16.62 8.76
CA PHE A 42 -4.48 -15.44 7.90
C PHE A 42 -4.12 -14.25 8.78
N VAL A 43 -4.90 -14.05 9.84
CA VAL A 43 -4.68 -12.97 10.79
C VAL A 43 -3.28 -13.16 11.38
N LYS A 44 -3.05 -14.34 11.94
CA LYS A 44 -1.76 -14.66 12.52
C LYS A 44 -0.65 -14.24 11.58
N LEU A 45 -0.73 -14.71 10.33
CA LEU A 45 0.30 -14.38 9.33
C LEU A 45 0.52 -12.89 9.15
N ARG A 46 -0.58 -12.15 9.00
CA ARG A 46 -0.57 -10.70 8.83
C ARG A 46 0.16 -9.99 9.97
N SER A 47 -0.21 -10.33 11.21
CA SER A 47 0.38 -9.75 12.40
C SER A 47 1.90 -9.85 12.39
N GLN A 48 2.42 -10.68 11.49
CA GLN A 48 3.86 -10.89 11.36
C GLN A 48 4.47 -10.02 10.27
N GLU A 49 3.64 -9.30 9.53
CA GLU A 49 4.12 -8.44 8.46
C GLU A 49 4.20 -7.01 9.00
N CYS A 50 5.11 -6.24 8.45
CA CYS A 50 5.28 -4.84 8.83
C CYS A 50 6.07 -4.16 7.74
N ASP A 51 5.77 -2.88 7.54
CA ASP A 51 6.44 -2.12 6.49
C ASP A 51 6.67 -0.71 7.02
N TRP A 52 7.92 -0.39 7.36
CA TRP A 52 8.26 0.95 7.84
C TRP A 52 9.29 1.62 6.93
N GLU A 53 9.15 2.93 6.75
CA GLU A 53 10.07 3.70 5.92
C GLU A 53 10.33 5.05 6.58
N GLU A 54 11.61 5.36 6.77
CA GLU A 54 12.00 6.63 7.39
C GLU A 54 12.64 7.50 6.32
N ILE A 55 12.11 8.71 6.14
CA ILE A 55 12.65 9.61 5.14
C ILE A 55 13.18 10.94 5.69
N SER A 56 14.50 11.10 5.63
CA SER A 56 15.16 12.31 6.08
C SER A 56 15.40 13.26 4.92
N VAL A 57 14.68 14.38 4.90
CA VAL A 57 14.88 15.39 3.88
C VAL A 57 16.09 16.20 4.31
N LYS A 58 17.17 16.14 3.55
CA LYS A 58 18.34 16.90 3.93
C LYS A 58 18.47 18.06 2.97
N GLY A 59 18.19 19.25 3.49
CA GLY A 59 18.25 20.43 2.65
C GLY A 59 19.15 21.54 3.15
N PRO A 60 18.71 22.79 2.95
CA PRO A 60 19.43 24.01 3.33
C PRO A 60 19.27 24.34 4.81
N ASN A 61 18.04 24.19 5.31
CA ASN A 61 17.77 24.50 6.71
C ASN A 61 18.51 23.49 7.60
N GLY A 62 18.46 22.23 7.20
CA GLY A 62 19.10 21.16 7.94
C GLY A 62 18.32 19.91 7.63
N GLU A 63 18.19 18.99 8.59
CA GLU A 63 17.43 17.76 8.32
C GLU A 63 16.06 17.70 8.96
N SER A 64 15.08 17.42 8.13
CA SER A 64 13.68 17.26 8.53
C SER A 64 13.47 15.74 8.42
N SER A 65 12.72 15.12 9.30
CA SER A 65 12.56 13.68 9.20
C SER A 65 11.22 13.10 9.64
N VAL A 66 10.69 12.20 8.81
CA VAL A 66 9.41 11.57 9.08
C VAL A 66 9.48 10.07 8.89
N ILE A 67 8.86 9.29 9.77
CA ILE A 67 8.84 7.84 9.64
C ILE A 67 7.42 7.38 9.39
N HIS A 68 7.23 6.60 8.33
CA HIS A 68 5.90 6.11 7.95
C HIS A 68 5.67 4.63 8.14
N ASP A 69 4.51 4.31 8.70
CA ASP A 69 4.10 2.94 8.90
C ASP A 69 3.33 2.60 7.62
N ARG A 70 3.98 1.96 6.66
CA ARG A 70 3.33 1.64 5.39
C ARG A 70 2.19 0.62 5.49
N LYS A 71 2.10 -0.09 6.61
CA LYS A 71 1.06 -1.08 6.80
C LYS A 71 -0.21 -0.46 7.34
N SER A 72 -0.07 0.47 8.29
CA SER A 72 -1.22 1.14 8.91
C SER A 72 -1.60 2.45 8.23
N GLY A 73 -0.60 3.14 7.70
CA GLY A 73 -0.85 4.41 7.04
C GLY A 73 -0.62 5.58 7.99
N LYS A 74 0.03 5.33 9.11
CA LYS A 74 0.32 6.38 10.07
C LYS A 74 1.73 6.91 9.86
N LYS A 75 1.90 8.21 10.15
CA LYS A 75 3.19 8.88 10.00
C LYS A 75 3.64 9.54 11.30
N PHE A 76 4.94 9.66 11.51
CA PHE A 76 5.43 10.26 12.73
C PHE A 76 6.63 11.19 12.56
N SER A 77 6.39 12.49 12.78
CA SER A 77 7.46 13.49 12.69
C SER A 77 8.51 13.17 13.76
N ILE A 78 9.79 13.26 13.42
CA ILE A 78 10.84 12.96 14.40
C ILE A 78 11.04 14.18 15.32
N GLU A 79 11.02 15.37 14.73
CA GLU A 79 11.15 16.60 15.50
C GLU A 79 10.00 16.64 16.49
N GLU A 80 8.82 16.23 16.04
CA GLU A 80 7.65 16.21 16.92
C GLU A 80 7.78 15.15 17.99
N ALA A 81 8.67 14.17 17.78
CA ALA A 81 8.89 13.12 18.77
C ALA A 81 9.95 13.57 19.76
N LEU A 82 10.92 14.34 19.28
CA LEU A 82 11.95 14.86 20.17
C LEU A 82 11.32 15.92 21.09
N GLN A 83 10.56 16.83 20.49
CA GLN A 83 9.89 17.88 21.25
C GLN A 83 8.99 17.27 22.33
N SER A 84 8.05 16.42 21.94
CA SER A 84 7.13 15.78 22.88
C SER A 84 7.80 14.81 23.85
N GLY A 85 9.09 14.57 23.62
CA GLY A 85 9.85 13.69 24.50
C GLY A 85 9.78 12.19 24.30
N ARG A 86 8.93 11.69 23.40
CA ARG A 86 8.86 10.24 23.18
C ARG A 86 10.18 9.73 22.65
N LEU A 87 11.05 10.64 22.23
CA LEU A 87 12.35 10.24 21.70
C LEU A 87 13.42 11.14 22.34
N THR A 88 14.45 10.52 22.93
CA THR A 88 15.51 11.28 23.57
C THR A 88 16.63 11.55 22.59
N PRO A 89 17.23 12.75 22.66
CA PRO A 89 18.32 13.05 21.74
C PRO A 89 19.48 12.08 21.91
N ALA A 90 19.35 11.18 22.87
CA ALA A 90 20.38 10.16 23.11
C ALA A 90 20.14 9.01 22.14
N GLN A 91 18.87 8.67 21.94
CA GLN A 91 18.45 7.61 21.03
C GLN A 91 18.48 8.11 19.57
N TYR A 92 18.04 9.35 19.34
CA TYR A 92 18.05 9.90 17.98
C TYR A 92 19.47 9.82 17.45
N ASP A 93 20.43 10.15 18.31
CA ASP A 93 21.82 10.10 17.91
C ASP A 93 22.26 8.73 17.48
N ARG A 94 21.67 7.71 18.09
CA ARG A 94 22.03 6.36 17.72
C ARG A 94 21.51 6.10 16.32
N TYR A 95 20.26 6.47 16.05
CA TYR A 95 19.69 6.27 14.73
C TYR A 95 20.54 7.01 13.71
N VAL A 96 20.71 8.31 13.92
CA VAL A 96 21.50 9.12 13.01
C VAL A 96 22.86 8.47 12.71
N ASN A 97 23.52 7.95 13.75
CA ASN A 97 24.82 7.31 13.58
C ASN A 97 24.73 5.90 13.08
N LYS A 98 23.54 5.50 12.62
CA LYS A 98 23.28 4.17 12.10
C LYS A 98 23.53 3.04 13.09
N ASP A 99 23.12 3.24 14.35
CA ASP A 99 23.29 2.20 15.36
C ASP A 99 21.95 1.83 15.96
N SER A 101 18.10 0.47 14.40
CA SER A 101 17.31 0.04 13.26
C SER A 101 16.07 0.89 13.06
N ILE A 102 15.48 0.73 11.89
CA ILE A 102 14.28 1.45 11.54
C ILE A 102 13.19 0.98 12.47
N GLN A 103 13.17 -0.32 12.76
CA GLN A 103 12.15 -0.85 13.65
C GLN A 103 12.32 -0.34 15.09
N GLU A 104 13.54 -0.33 15.62
CA GLU A 104 13.77 0.15 17.00
C GLU A 104 13.31 1.60 17.12
N LEU A 105 13.51 2.37 16.06
CA LEU A 105 13.08 3.77 16.05
C LEU A 105 11.57 3.88 15.88
N ALA A 106 11.00 2.95 15.13
CA ALA A 106 9.56 2.95 14.91
C ALA A 106 8.90 2.82 16.28
N VAL A 107 9.27 1.77 16.99
CA VAL A 107 8.74 1.51 18.33
C VAL A 107 8.79 2.70 19.26
N LEU A 108 9.90 3.43 19.26
CA LEU A 108 10.06 4.59 20.13
C LEU A 108 8.98 5.64 19.89
N VAL A 109 8.87 6.07 18.64
CA VAL A 109 7.89 7.09 18.28
C VAL A 109 6.45 6.57 18.16
N SER A 110 6.25 5.34 17.66
CA SER A 110 4.90 4.75 17.47
C SER A 110 4.23 4.24 18.74
N GLY A 111 4.82 3.23 19.36
CA GLY A 111 4.24 2.67 20.57
C GLY A 111 4.52 1.20 20.90
N GLY B 2 -18.94 -24.78 -13.48
CA GLY B 2 -19.14 -23.96 -12.26
C GLY B 2 -17.81 -23.65 -11.61
N HIS B 3 -17.13 -22.62 -12.11
CA HIS B 3 -15.83 -22.25 -11.57
C HIS B 3 -15.96 -21.22 -10.47
N HIS B 4 -14.83 -20.93 -9.84
CA HIS B 4 -14.78 -19.94 -8.77
C HIS B 4 -14.65 -18.52 -9.33
N HIS B 5 -15.47 -17.61 -8.83
CA HIS B 5 -15.40 -16.22 -9.24
C HIS B 5 -14.93 -15.35 -8.06
N HIS B 6 -14.19 -14.31 -8.39
CA HIS B 6 -13.71 -13.37 -7.38
C HIS B 6 -14.32 -12.04 -7.82
N HIS B 7 -15.14 -11.47 -6.94
CA HIS B 7 -15.80 -10.21 -7.23
C HIS B 7 -15.20 -9.08 -6.42
N HIS B 8 -14.49 -8.18 -7.09
CA HIS B 8 -13.87 -7.05 -6.39
C HIS B 8 -14.69 -5.76 -6.48
N SER B 9 -14.91 -5.14 -5.33
CA SER B 9 -15.59 -3.85 -5.24
C SER B 9 -14.53 -2.99 -4.56
N HIS B 10 -13.89 -2.14 -5.36
CA HIS B 10 -12.81 -1.32 -4.85
C HIS B 10 -13.11 0.16 -5.02
N ARG B 12 -11.57 4.18 -3.94
CA ARG B 12 -10.44 4.94 -3.40
C ARG B 12 -10.52 6.45 -3.55
N ARG B 13 -10.26 7.16 -2.45
CA ARG B 13 -10.23 8.61 -2.42
C ARG B 13 -8.77 9.03 -2.20
N SER B 14 -8.14 9.57 -3.23
CA SER B 14 -6.75 10.01 -3.13
C SER B 14 -6.66 11.46 -3.56
N ILE B 15 -5.73 12.20 -2.96
CA ILE B 15 -5.52 13.62 -3.26
C ILE B 15 -4.12 13.85 -3.82
N VAL B 16 -3.99 14.78 -4.76
CA VAL B 16 -2.69 15.08 -5.34
C VAL B 16 -2.46 16.59 -5.38
N VAL B 17 -1.25 17.01 -5.00
CA VAL B 17 -0.89 18.41 -4.98
C VAL B 17 -0.12 18.75 -6.25
N ILE B 18 -0.59 19.78 -6.96
CA ILE B 18 0.05 20.20 -8.19
C ILE B 18 1.22 21.13 -7.87
N HIS B 19 2.39 20.82 -8.39
CA HIS B 19 3.52 21.68 -8.14
C HIS B 19 3.21 22.98 -8.89
N PRO B 20 3.56 24.14 -8.32
CA PRO B 20 3.28 25.40 -9.01
C PRO B 20 4.10 25.59 -10.27
N ASP B 21 5.34 25.10 -10.26
CA ASP B 21 6.22 25.25 -11.41
C ASP B 21 6.17 24.10 -12.40
N THR B 22 6.59 22.92 -11.96
CA THR B 22 6.63 21.74 -12.82
C THR B 22 5.26 21.17 -13.20
N GLY B 23 4.19 21.72 -12.62
CA GLY B 23 2.86 21.22 -12.94
C GLY B 23 2.67 19.75 -12.56
N ARG B 24 3.72 19.13 -12.03
CA ARG B 24 3.67 17.72 -11.64
C ARG B 24 2.68 17.41 -10.51
N GLU B 25 2.24 16.16 -10.47
CA GLU B 25 1.31 15.73 -9.44
C GLU B 25 2.11 15.09 -8.34
N LEU B 26 1.96 15.63 -7.13
CA LEU B 26 2.64 15.13 -5.96
C LEU B 26 1.66 14.58 -4.94
N SER B 27 2.12 13.62 -4.15
CA SER B 27 1.30 13.04 -3.11
C SER B 27 1.49 13.93 -1.90
N PRO B 28 0.47 14.01 -1.03
CA PRO B 28 0.58 14.85 0.17
C PRO B 28 1.98 14.66 0.77
N GLU B 29 2.34 13.42 1.01
CA GLU B 29 3.65 13.11 1.55
C GLU B 29 4.75 13.81 0.75
N GLU B 30 4.72 13.66 -0.58
CA GLU B 30 5.73 14.28 -1.44
C GLU B 30 5.78 15.79 -1.37
N ALA B 31 4.60 16.41 -1.38
CA ALA B 31 4.49 17.86 -1.31
C ALA B 31 5.06 18.36 0.00
N HIS B 32 4.79 17.62 1.07
CA HIS B 32 5.30 17.98 2.38
C HIS B 32 6.82 18.05 2.38
N ARG B 33 7.47 17.11 1.70
CA ARG B 33 8.92 17.09 1.64
C ARG B 33 9.44 18.17 0.72
N ALA B 34 8.59 18.59 -0.21
CA ALA B 34 8.93 19.64 -1.18
C ALA B 34 8.67 20.98 -0.52
N GLY B 35 7.91 20.98 0.56
CA GLY B 35 7.62 22.20 1.27
C GLY B 35 6.48 22.99 0.67
N LEU B 36 5.58 22.31 -0.05
CA LEU B 36 4.43 22.99 -0.64
C LEU B 36 3.29 23.07 0.38
N ILE B 37 3.39 22.26 1.42
CA ILE B 37 2.39 22.23 2.49
C ILE B 37 3.07 21.94 3.83
N ASP B 38 2.45 22.43 4.90
CA ASP B 38 2.96 22.24 6.26
C ASP B 38 2.44 20.94 6.87
N TRP B 39 3.04 20.53 7.98
CA TRP B 39 2.61 19.31 8.64
C TRP B 39 1.11 19.20 8.87
N ASN B 40 0.45 20.27 9.31
CA ASN B 40 -0.98 20.17 9.54
C ASN B 40 -1.76 19.97 8.26
N PHE B 42 -0.69 18.48 5.67
CA PHE B 42 -0.42 17.11 5.29
C PHE B 42 -1.32 16.17 6.07
N VAL B 43 -1.41 16.38 7.37
CA VAL B 43 -2.27 15.54 8.21
C VAL B 43 -3.71 15.62 7.71
N LYS B 44 -4.16 16.83 7.45
CA LYS B 44 -5.52 17.05 6.98
C LYS B 44 -5.84 16.24 5.71
N LEU B 45 -5.02 16.43 4.69
CA LEU B 45 -5.21 15.75 3.43
C LEU B 45 -5.29 14.26 3.62
N ARG B 46 -4.34 13.70 4.35
CA ARG B 46 -4.36 12.26 4.59
C ARG B 46 -5.66 11.84 5.26
N SER B 47 -6.18 12.66 6.15
CA SER B 47 -7.42 12.30 6.82
C SER B 47 -8.55 12.22 5.80
N GLN B 48 -8.32 12.72 4.60
CA GLN B 48 -9.33 12.69 3.57
C GLN B 48 -9.22 11.52 2.58
N GLU B 49 -8.08 10.83 2.63
CA GLU B 49 -7.84 9.68 1.77
C GLU B 49 -8.28 8.36 2.40
N CYS B 50 -8.85 7.49 1.59
CA CYS B 50 -9.30 6.18 2.06
C CYS B 50 -9.35 5.17 0.93
N ASP B 51 -8.95 3.94 1.21
CA ASP B 51 -8.93 2.91 0.18
C ASP B 51 -9.60 1.65 0.75
N TRP B 52 -10.81 1.35 0.29
CA TRP B 52 -11.54 0.17 0.77
C TRP B 52 -11.84 -0.82 -0.34
N GLU B 53 -11.39 -2.06 -0.17
CA GLU B 53 -11.66 -3.10 -1.18
C GLU B 53 -12.41 -4.31 -0.59
N GLU B 54 -13.59 -4.58 -1.14
CA GLU B 54 -14.39 -5.71 -0.72
C GLU B 54 -14.27 -6.81 -1.78
N ILE B 55 -13.84 -8.00 -1.36
CA ILE B 55 -13.66 -9.11 -2.29
C ILE B 55 -14.55 -10.33 -2.00
N SER B 56 -15.44 -10.69 -2.93
CA SER B 56 -16.32 -11.84 -2.75
C SER B 56 -15.87 -13.05 -3.57
N VAL B 57 -15.59 -14.17 -2.88
CA VAL B 57 -15.19 -15.41 -3.56
C VAL B 57 -16.44 -16.27 -3.78
N LYS B 58 -16.86 -16.37 -5.04
CA LYS B 58 -18.06 -17.13 -5.37
C LYS B 58 -17.78 -18.41 -6.15
N GLY B 59 -18.09 -19.56 -5.53
CA GLY B 59 -17.92 -20.84 -6.18
C GLY B 59 -19.17 -21.67 -5.92
N PRO B 60 -19.22 -22.92 -6.43
CA PRO B 60 -20.40 -23.76 -6.21
C PRO B 60 -20.71 -23.98 -4.72
N ASN B 61 -19.65 -24.10 -3.92
CA ASN B 61 -19.80 -24.33 -2.49
C ASN B 61 -20.48 -23.20 -1.71
N GLY B 62 -20.48 -21.99 -2.27
CA GLY B 62 -21.11 -20.86 -1.59
C GLY B 62 -20.29 -19.59 -1.69
N GLU B 63 -20.71 -18.52 -1.01
CA GLU B 63 -19.99 -17.25 -1.07
C GLU B 63 -19.27 -16.77 0.19
N SER B 64 -17.96 -16.55 0.05
CA SER B 64 -17.14 -16.04 1.15
C SER B 64 -16.89 -14.57 0.82
N SER B 65 -16.79 -13.75 1.85
CA SER B 65 -16.56 -12.34 1.59
C SER B 65 -15.65 -11.67 2.61
N VAL B 66 -14.80 -10.78 2.11
CA VAL B 66 -13.89 -10.06 2.97
C VAL B 66 -13.76 -8.62 2.53
N ILE B 67 -13.71 -7.70 3.48
CA ILE B 67 -13.57 -6.29 3.12
C ILE B 67 -12.30 -5.77 3.76
N HIS B 68 -11.39 -5.28 2.92
CA HIS B 68 -10.11 -4.79 3.43
C HIS B 68 -9.97 -3.27 3.39
N ASP B 69 -9.29 -2.76 4.40
CA ASP B 69 -9.02 -1.34 4.49
C ASP B 69 -7.56 -1.25 4.09
N ARG B 70 -7.32 -0.97 2.82
CA ARG B 70 -5.97 -0.88 2.27
C ARG B 70 -5.10 0.17 2.94
N LYS B 71 -5.74 1.25 3.42
CA LYS B 71 -5.04 2.34 4.11
C LYS B 71 -4.56 1.91 5.49
N SER B 72 -5.48 1.39 6.30
CA SER B 72 -5.18 0.94 7.66
C SER B 72 -4.54 -0.45 7.72
N GLY B 73 -4.66 -1.20 6.64
CA GLY B 73 -4.09 -2.54 6.61
C GLY B 73 -4.96 -3.51 7.38
N LYS B 74 -6.11 -3.02 7.87
CA LYS B 74 -7.01 -3.89 8.61
C LYS B 74 -7.89 -4.64 7.63
N LYS B 75 -8.33 -5.83 8.04
CA LYS B 75 -9.17 -6.67 7.20
C LYS B 75 -10.36 -7.16 8.03
N PHE B 76 -11.53 -7.28 7.39
CA PHE B 76 -12.74 -7.69 8.09
C PHE B 76 -13.51 -8.81 7.39
N SER B 77 -13.83 -9.86 8.14
CA SER B 77 -14.57 -10.99 7.60
C SER B 77 -16.07 -10.85 7.75
N ILE B 78 -16.77 -10.72 6.63
CA ILE B 78 -18.22 -10.58 6.65
C ILE B 78 -18.87 -11.60 7.60
N GLU B 79 -18.56 -12.88 7.38
CA GLU B 79 -19.06 -13.96 8.22
C GLU B 79 -18.87 -13.58 9.70
N GLU B 80 -17.65 -13.20 10.07
CA GLU B 80 -17.35 -12.83 11.45
C GLU B 80 -18.14 -11.60 11.92
N ALA B 81 -18.62 -10.79 10.96
CA ALA B 81 -19.41 -9.61 11.31
C ALA B 81 -20.88 -9.98 11.48
N LEU B 82 -21.37 -10.88 10.63
CA LEU B 82 -22.75 -11.31 10.73
C LEU B 82 -22.89 -12.02 12.06
N GLN B 83 -21.87 -12.83 12.36
CA GLN B 83 -21.81 -13.61 13.59
C GLN B 83 -21.81 -12.79 14.87
N SER B 84 -20.86 -11.86 15.00
CA SER B 84 -20.79 -11.03 16.19
C SER B 84 -21.86 -9.95 16.12
N GLY B 85 -22.65 -10.00 15.06
CA GLY B 85 -23.73 -9.06 14.90
C GLY B 85 -23.44 -7.61 14.55
N ARG B 86 -22.20 -7.24 14.25
CA ARG B 86 -21.92 -5.84 13.90
C ARG B 86 -22.63 -5.57 12.57
N LEU B 87 -22.89 -6.64 11.84
CA LEU B 87 -23.59 -6.55 10.58
C LEU B 87 -24.84 -7.38 10.73
N THR B 88 -25.91 -6.95 10.07
CA THR B 88 -27.18 -7.65 10.13
C THR B 88 -27.50 -8.07 8.70
N PRO B 89 -27.97 -9.32 8.54
CA PRO B 89 -28.31 -9.84 7.21
C PRO B 89 -29.25 -8.92 6.43
N ALA B 90 -29.88 -7.98 7.12
CA ALA B 90 -30.78 -7.05 6.48
C ALA B 90 -29.94 -6.08 5.66
N GLN B 91 -28.88 -5.59 6.28
CA GLN B 91 -27.96 -4.65 5.66
C GLN B 91 -27.08 -5.36 4.63
N TYR B 92 -26.58 -6.53 4.98
CA TYR B 92 -25.73 -7.29 4.08
C TYR B 92 -26.44 -7.55 2.75
N ASP B 93 -27.73 -7.88 2.82
CA ASP B 93 -28.50 -8.12 1.62
C ASP B 93 -28.46 -6.87 0.76
N ARG B 94 -28.56 -5.72 1.42
CA ARG B 94 -28.54 -4.44 0.72
C ARG B 94 -27.24 -4.36 -0.07
N TYR B 95 -26.13 -4.68 0.58
CA TYR B 95 -24.83 -4.63 -0.09
C TYR B 95 -24.76 -5.66 -1.21
N VAL B 96 -25.30 -6.85 -0.95
CA VAL B 96 -25.31 -7.91 -1.95
C VAL B 96 -26.14 -7.47 -3.16
N ASN B 97 -27.28 -6.83 -2.89
CA ASN B 97 -28.17 -6.36 -3.95
C ASN B 97 -27.79 -5.00 -4.48
N LYS B 98 -26.50 -4.69 -4.37
CA LYS B 98 -25.93 -3.43 -4.84
C LYS B 98 -26.69 -2.17 -4.47
N ASP B 99 -27.11 -2.07 -3.21
CA ASP B 99 -27.82 -0.88 -2.75
C ASP B 99 -27.20 -0.27 -1.51
N SER B 101 -23.24 1.16 -0.33
CA SER B 101 -21.90 1.45 -0.85
C SER B 101 -20.79 0.75 -0.08
N ILE B 102 -19.68 0.51 -0.78
CA ILE B 102 -18.54 -0.15 -0.18
C ILE B 102 -18.23 0.52 1.15
N GLN B 103 -18.15 1.85 1.14
CA GLN B 103 -17.87 2.64 2.34
C GLN B 103 -18.92 2.42 3.43
N GLU B 104 -20.18 2.38 3.00
CA GLU B 104 -21.29 2.18 3.92
C GLU B 104 -21.01 0.87 4.70
N LEU B 105 -20.60 -0.15 3.96
CA LEU B 105 -20.30 -1.45 4.56
C LEU B 105 -19.12 -1.31 5.49
N ALA B 106 -18.13 -0.55 5.05
CA ALA B 106 -16.93 -0.32 5.82
C ALA B 106 -17.24 0.18 7.23
N VAL B 107 -18.03 1.25 7.32
CA VAL B 107 -18.37 1.78 8.64
C VAL B 107 -19.04 0.72 9.51
N LEU B 108 -20.03 0.03 8.93
CA LEU B 108 -20.76 -1.01 9.64
C LEU B 108 -19.90 -2.10 10.31
N VAL B 109 -18.97 -2.67 9.54
CA VAL B 109 -18.13 -3.73 10.07
C VAL B 109 -16.90 -3.21 10.82
N SER B 110 -16.41 -2.02 10.47
CA SER B 110 -15.21 -1.48 11.11
C SER B 110 -15.52 -0.63 12.35
N GLY B 111 -16.42 0.33 12.20
CA GLY B 111 -16.78 1.21 13.30
C GLY B 111 -16.81 2.68 12.93
N GLY C 2 -1.17 27.92 -0.75
CA GLY C 2 -2.50 27.72 -1.39
C GLY C 2 -2.35 27.23 -2.81
N HIS C 3 -2.07 25.94 -2.95
CA HIS C 3 -1.88 25.35 -4.27
C HIS C 3 -3.10 24.61 -4.79
N HIS C 4 -2.94 23.97 -5.94
CA HIS C 4 -4.00 23.20 -6.57
C HIS C 4 -3.97 21.74 -6.10
N HIS C 5 -5.11 21.24 -5.63
CA HIS C 5 -5.19 19.85 -5.20
C HIS C 5 -6.21 19.15 -6.08
N HIS C 6 -5.89 17.92 -6.48
CA HIS C 6 -6.82 17.14 -7.28
C HIS C 6 -7.39 16.03 -6.40
N HIS C 7 -8.70 16.02 -6.24
CA HIS C 7 -9.33 15.02 -5.41
C HIS C 7 -9.95 13.93 -6.31
N HIS C 8 -9.34 12.75 -6.28
CA HIS C 8 -9.80 11.61 -7.09
C HIS C 8 -10.68 10.64 -6.30
N SER C 9 -11.94 10.47 -6.75
CA SER C 9 -12.89 9.57 -6.10
C SER C 9 -13.08 8.43 -7.11
N HIS C 10 -12.41 7.31 -6.89
CA HIS C 10 -12.48 6.19 -7.83
C HIS C 10 -13.18 4.95 -7.29
N ARG C 12 -14.49 0.82 -8.49
CA ARG C 12 -14.42 -0.22 -9.52
C ARG C 12 -14.93 -1.60 -9.13
N ARG C 13 -15.83 -2.11 -9.95
CA ARG C 13 -16.39 -3.45 -9.79
C ARG C 13 -15.85 -4.34 -10.89
N SER C 14 -14.93 -5.22 -10.54
CA SER C 14 -14.36 -6.14 -11.51
C SER C 14 -14.62 -7.61 -11.13
N ILE C 15 -14.64 -8.48 -12.12
CA ILE C 15 -14.85 -9.90 -11.89
C ILE C 15 -13.64 -10.66 -12.40
N VAL C 16 -13.27 -11.74 -11.73
CA VAL C 16 -12.15 -12.51 -12.18
C VAL C 16 -12.51 -13.99 -12.08
N VAL C 17 -12.08 -14.78 -13.08
CA VAL C 17 -12.37 -16.21 -13.11
C VAL C 17 -11.13 -17.06 -12.84
N ILE C 18 -11.21 -17.89 -11.81
CA ILE C 18 -10.09 -18.72 -11.44
C ILE C 18 -9.94 -19.98 -12.29
N HIS C 19 -8.77 -20.10 -12.89
CA HIS C 19 -8.47 -21.26 -13.72
C HIS C 19 -8.45 -22.51 -12.86
N PRO C 20 -9.35 -23.47 -13.13
CA PRO C 20 -9.44 -24.72 -12.37
C PRO C 20 -8.10 -25.42 -12.15
N ASP C 21 -7.26 -25.40 -13.17
CA ASP C 21 -6.00 -26.10 -13.04
C ASP C 21 -4.87 -25.20 -12.55
N THR C 22 -4.61 -24.12 -13.26
CA THR C 22 -3.51 -23.22 -12.91
C THR C 22 -3.75 -22.26 -11.73
N GLY C 23 -5.01 -22.06 -11.36
CA GLY C 23 -5.32 -21.16 -10.26
C GLY C 23 -5.28 -19.69 -10.65
N ARG C 24 -4.67 -19.39 -11.78
CA ARG C 24 -4.56 -18.01 -12.26
C ARG C 24 -5.91 -17.30 -12.33
N GLU C 25 -5.88 -15.96 -12.27
CA GLU C 25 -7.09 -15.15 -12.32
C GLU C 25 -7.30 -14.55 -13.70
N LEU C 26 -8.29 -15.07 -14.42
CA LEU C 26 -8.58 -14.58 -15.76
C LEU C 26 -9.71 -13.55 -15.76
N SER C 27 -9.65 -12.65 -16.73
CA SER C 27 -10.69 -11.66 -16.87
C SER C 27 -11.73 -12.45 -17.64
N PRO C 28 -12.99 -12.01 -17.61
CA PRO C 28 -14.01 -12.74 -18.36
C PRO C 28 -13.55 -12.99 -19.79
N GLU C 29 -13.07 -11.94 -20.42
CA GLU C 29 -12.57 -11.98 -21.79
C GLU C 29 -11.60 -13.16 -21.96
N GLU C 30 -10.56 -13.18 -21.11
CA GLU C 30 -9.54 -14.22 -21.15
C GLU C 30 -10.12 -15.62 -20.91
N ALA C 31 -11.11 -15.70 -20.02
CA ALA C 31 -11.74 -16.97 -19.71
C ALA C 31 -12.51 -17.42 -20.94
N HIS C 32 -13.24 -16.48 -21.55
CA HIS C 32 -14.02 -16.79 -22.75
C HIS C 32 -13.13 -17.31 -23.86
N ARG C 33 -11.89 -16.85 -23.89
CA ARG C 33 -10.96 -17.30 -24.92
C ARG C 33 -10.35 -18.64 -24.53
N ALA C 34 -10.39 -18.94 -23.23
CA ALA C 34 -9.86 -20.19 -22.68
C ALA C 34 -10.92 -21.29 -22.60
N GLY C 35 -12.10 -21.03 -23.15
CA GLY C 35 -13.16 -22.03 -23.11
C GLY C 35 -13.70 -22.30 -21.72
N LEU C 36 -13.51 -21.36 -20.79
CA LEU C 36 -13.98 -21.54 -19.43
C LEU C 36 -15.41 -21.03 -19.19
N ILE C 37 -15.89 -20.17 -20.09
CA ILE C 37 -17.24 -19.61 -19.97
C ILE C 37 -17.77 -19.31 -21.37
N ASP C 38 -19.05 -19.59 -21.61
CA ASP C 38 -19.59 -19.35 -22.95
C ASP C 38 -19.92 -17.88 -23.16
N TRP C 39 -20.26 -17.52 -24.40
CA TRP C 39 -20.55 -16.14 -24.71
C TRP C 39 -21.57 -15.50 -23.77
N ASN C 40 -22.68 -16.17 -23.52
CA ASN C 40 -23.68 -15.56 -22.65
C ASN C 40 -23.17 -15.25 -21.25
N PHE C 42 -20.03 -14.71 -20.46
CA PHE C 42 -19.05 -13.65 -20.64
C PHE C 42 -19.76 -12.30 -20.74
N VAL C 43 -20.93 -12.26 -21.38
CA VAL C 43 -21.65 -11.01 -21.49
C VAL C 43 -22.24 -10.65 -20.12
N LYS C 44 -22.70 -11.66 -19.40
CA LYS C 44 -23.28 -11.48 -18.07
C LYS C 44 -22.24 -10.87 -17.13
N LEU C 45 -21.09 -11.52 -17.04
CA LEU C 45 -20.04 -11.05 -16.18
C LEU C 45 -19.68 -9.59 -16.46
N ARG C 46 -19.66 -9.22 -17.74
CA ARG C 46 -19.31 -7.85 -18.12
C ARG C 46 -20.38 -6.87 -17.69
N SER C 47 -21.64 -7.27 -17.82
CA SER C 47 -22.73 -6.39 -17.43
C SER C 47 -22.63 -6.03 -15.96
N GLN C 48 -21.87 -6.82 -15.22
CA GLN C 48 -21.71 -6.58 -13.79
C GLN C 48 -20.52 -5.67 -13.47
N GLU C 49 -19.66 -5.44 -14.45
CA GLU C 49 -18.49 -4.60 -14.23
C GLU C 49 -18.72 -3.13 -14.53
N CYS C 50 -18.11 -2.27 -13.73
CA CYS C 50 -18.22 -0.83 -13.94
C CYS C 50 -17.05 -0.09 -13.31
N ASP C 51 -16.72 1.06 -13.87
CA ASP C 51 -15.60 1.82 -13.38
C ASP C 51 -15.91 3.31 -13.51
N TRP C 52 -15.98 4.01 -12.37
CA TRP C 52 -16.21 5.45 -12.34
C TRP C 52 -15.15 6.16 -11.49
N GLU C 53 -14.80 7.37 -11.91
CA GLU C 53 -13.83 8.16 -11.21
C GLU C 53 -14.24 9.61 -11.32
N GLU C 54 -14.55 10.20 -10.18
CA GLU C 54 -14.93 11.61 -10.12
C GLU C 54 -13.64 12.30 -9.67
N ILE C 55 -13.28 13.39 -10.32
CA ILE C 55 -12.06 14.11 -9.98
C ILE C 55 -12.30 15.60 -9.81
N SER C 56 -12.03 16.10 -8.61
CA SER C 56 -12.22 17.51 -8.33
C SER C 56 -10.92 18.29 -8.25
N VAL C 57 -10.89 19.37 -9.03
CA VAL C 57 -9.75 20.27 -9.07
C VAL C 57 -10.13 21.39 -8.09
N LYS C 58 -9.45 21.44 -6.95
CA LYS C 58 -9.75 22.45 -5.93
C LYS C 58 -8.63 23.49 -5.84
N GLY C 59 -8.92 24.70 -6.31
CA GLY C 59 -7.93 25.76 -6.28
C GLY C 59 -8.28 26.88 -5.33
N PRO C 60 -7.40 27.88 -5.16
CA PRO C 60 -7.62 29.02 -4.27
C PRO C 60 -8.85 29.86 -4.63
N ASN C 61 -9.43 29.58 -5.80
CA ASN C 61 -10.59 30.31 -6.26
C ASN C 61 -11.83 29.47 -6.55
N GLY C 62 -11.89 28.25 -6.05
CA GLY C 62 -13.07 27.43 -6.30
C GLY C 62 -12.77 26.02 -6.78
N GLU C 63 -13.82 25.24 -7.02
CA GLU C 63 -13.67 23.85 -7.44
C GLU C 63 -14.33 23.49 -8.75
N SER C 64 -13.58 22.74 -9.55
CA SER C 64 -14.03 22.24 -10.85
C SER C 64 -14.21 20.74 -10.61
N SER C 65 -15.15 20.09 -11.29
CA SER C 65 -15.30 18.66 -11.05
C SER C 65 -15.87 17.86 -12.21
N VAL C 66 -15.12 16.83 -12.60
CA VAL C 66 -15.55 15.98 -13.70
C VAL C 66 -15.59 14.54 -13.25
N ILE C 67 -16.65 13.84 -13.65
CA ILE C 67 -16.76 12.45 -13.28
C ILE C 67 -16.77 11.61 -14.56
N HIS C 68 -15.79 10.72 -14.67
CA HIS C 68 -15.66 9.86 -15.84
C HIS C 68 -16.11 8.41 -15.66
N ASP C 69 -16.49 7.80 -16.78
CA ASP C 69 -16.92 6.42 -16.85
C ASP C 69 -15.76 5.74 -17.55
N ARG C 70 -14.91 5.07 -16.79
CA ARG C 70 -13.76 4.40 -17.36
C ARG C 70 -14.16 3.20 -18.21
N LYS C 71 -15.41 2.78 -18.10
CA LYS C 71 -15.88 1.66 -18.89
C LYS C 71 -16.31 2.12 -20.28
N SER C 72 -17.36 2.94 -20.34
CA SER C 72 -17.90 3.45 -21.61
C SER C 72 -17.04 4.54 -22.22
N GLY C 73 -16.28 5.23 -21.38
CA GLY C 73 -15.41 6.30 -21.86
C GLY C 73 -16.12 7.62 -22.01
N LYS C 74 -17.30 7.74 -21.40
CA LYS C 74 -18.04 8.98 -21.48
C LYS C 74 -17.63 9.80 -20.27
N LYS C 75 -17.73 11.13 -20.38
CA LYS C 75 -17.37 12.01 -19.28
C LYS C 75 -18.51 12.99 -19.02
N PHE C 76 -18.60 13.48 -17.80
CA PHE C 76 -19.66 14.43 -17.46
C PHE C 76 -19.17 15.54 -16.54
N SER C 77 -19.49 16.78 -16.94
CA SER C 77 -19.11 17.96 -16.17
C SER C 77 -20.15 18.15 -15.07
N ILE C 78 -19.69 18.35 -13.84
CA ILE C 78 -20.63 18.54 -12.75
C ILE C 78 -21.35 19.88 -12.86
N GLU C 79 -20.58 20.92 -13.18
CA GLU C 79 -21.15 22.25 -13.33
C GLU C 79 -22.23 22.17 -14.40
N GLU C 80 -21.90 21.54 -15.52
CA GLU C 80 -22.83 21.39 -16.63
C GLU C 80 -24.07 20.55 -16.27
N ALA C 81 -24.00 19.81 -15.17
CA ALA C 81 -25.11 18.97 -14.71
C ALA C 81 -25.96 19.76 -13.74
N LEU C 82 -25.36 20.77 -13.13
CA LEU C 82 -26.06 21.63 -12.19
C LEU C 82 -26.81 22.68 -12.98
N GLN C 83 -26.20 23.10 -14.09
CA GLN C 83 -26.77 24.11 -14.98
C GLN C 83 -27.91 23.51 -15.80
N SER C 84 -27.69 22.31 -16.36
CA SER C 84 -28.73 21.65 -17.14
C SER C 84 -29.77 21.06 -16.19
N GLY C 85 -29.47 21.10 -14.90
CA GLY C 85 -30.40 20.60 -13.90
C GLY C 85 -30.44 19.12 -13.56
N ARG C 86 -29.76 18.27 -14.34
CA ARG C 86 -29.76 16.82 -14.06
C ARG C 86 -29.27 16.52 -12.64
N LEU C 87 -28.59 17.50 -12.05
CA LEU C 87 -28.08 17.37 -10.69
C LEU C 87 -28.50 18.60 -9.90
N THR C 88 -29.08 18.37 -8.74
CA THR C 88 -29.55 19.45 -7.89
C THR C 88 -28.53 19.76 -6.79
N PRO C 89 -28.26 21.04 -6.56
CA PRO C 89 -27.30 21.43 -5.53
C PRO C 89 -27.64 20.80 -4.18
N ALA C 90 -28.83 20.23 -4.07
CA ALA C 90 -29.22 19.58 -2.84
C ALA C 90 -28.47 18.26 -2.80
N GLN C 91 -28.50 17.57 -3.93
CA GLN C 91 -27.84 16.29 -4.10
C GLN C 91 -26.33 16.49 -4.13
N TYR C 92 -25.87 17.45 -4.94
CA TYR C 92 -24.45 17.72 -5.05
C TYR C 92 -23.84 17.85 -3.66
N ASP C 93 -24.50 18.62 -2.81
CA ASP C 93 -24.05 18.83 -1.45
C ASP C 93 -23.82 17.52 -0.73
N ARG C 94 -24.73 16.59 -0.93
CA ARG C 94 -24.60 15.29 -0.28
C ARG C 94 -23.33 14.62 -0.76
N TYR C 95 -23.04 14.71 -2.06
CA TYR C 95 -21.83 14.10 -2.58
C TYR C 95 -20.62 14.88 -2.06
N VAL C 96 -20.74 16.20 -2.04
CA VAL C 96 -19.67 17.03 -1.54
C VAL C 96 -19.40 16.69 -0.09
N ASN C 97 -20.46 16.55 0.69
CA ASN C 97 -20.34 16.25 2.09
C ASN C 97 -20.16 14.75 2.37
N LYS C 98 -19.68 14.04 1.36
CA LYS C 98 -19.41 12.61 1.46
C LYS C 98 -20.55 11.70 1.90
N ASP C 99 -21.77 12.06 1.53
CA ASP C 99 -22.92 11.23 1.90
C ASP C 99 -23.67 10.64 0.70
N SER C 101 -22.67 8.23 -2.84
CA SER C 101 -21.57 7.46 -3.41
C SER C 101 -21.28 7.83 -4.86
N ILE C 102 -20.03 7.58 -5.25
CA ILE C 102 -19.54 7.86 -6.59
C ILE C 102 -20.50 7.32 -7.64
N GLN C 103 -21.02 6.12 -7.39
CA GLN C 103 -21.96 5.48 -8.31
C GLN C 103 -23.29 6.23 -8.34
N GLU C 104 -23.83 6.53 -7.15
CA GLU C 104 -25.09 7.27 -7.04
C GLU C 104 -24.99 8.51 -7.91
N LEU C 105 -23.88 9.24 -7.73
CA LEU C 105 -23.64 10.46 -8.50
C LEU C 105 -23.58 10.17 -9.98
N ALA C 106 -22.99 9.04 -10.32
CA ALA C 106 -22.87 8.65 -11.71
C ALA C 106 -24.24 8.52 -12.35
N VAL C 107 -25.11 7.71 -11.74
CA VAL C 107 -26.45 7.51 -12.27
C VAL C 107 -27.17 8.84 -12.47
N LEU C 108 -26.97 9.76 -11.53
CA LEU C 108 -27.58 11.09 -11.56
C LEU C 108 -27.21 11.94 -12.78
N VAL C 109 -25.91 12.09 -13.01
CA VAL C 109 -25.41 12.89 -14.11
C VAL C 109 -25.57 12.25 -15.49
N SER C 110 -25.65 10.93 -15.52
CA SER C 110 -25.78 10.19 -16.77
C SER C 110 -27.17 9.60 -16.95
N GLY D 2 -0.51 -27.25 6.54
CA GLY D 2 0.83 -26.60 6.66
C GLY D 2 1.66 -26.69 5.38
N HIS D 3 1.65 -25.61 4.59
CA HIS D 3 2.40 -25.56 3.32
C HIS D 3 3.71 -24.79 3.47
N HIS D 4 4.41 -24.63 2.36
CA HIS D 4 5.67 -23.91 2.38
C HIS D 4 5.48 -22.40 2.50
N HIS D 5 6.12 -21.80 3.50
CA HIS D 5 6.05 -20.37 3.71
C HIS D 5 7.43 -19.79 3.44
N HIS D 6 7.46 -18.69 2.71
CA HIS D 6 8.72 -18.00 2.43
C HIS D 6 8.58 -16.73 3.24
N HIS D 7 9.58 -16.44 4.06
CA HIS D 7 9.55 -15.26 4.88
C HIS D 7 10.59 -14.27 4.39
N HIS D 8 10.13 -13.13 3.89
CA HIS D 8 11.03 -12.08 3.40
C HIS D 8 11.18 -10.98 4.44
N SER D 9 12.42 -10.58 4.71
CA SER D 9 12.72 -9.51 5.66
C SER D 9 13.72 -8.71 4.91
N HIS D 10 13.25 -7.62 4.32
CA HIS D 10 14.06 -6.78 3.47
C HIS D 10 14.19 -5.36 4.01
N ARG D 12 16.27 -1.49 2.99
CA ARG D 12 17.06 -0.76 2.00
C ARG D 12 17.29 0.70 2.36
N ARG D 13 18.48 1.19 2.01
CA ARG D 13 18.84 2.57 2.27
C ARG D 13 19.20 3.24 0.94
N SER D 14 18.27 4.01 0.39
CA SER D 14 18.48 4.71 -0.87
C SER D 14 18.55 6.22 -0.64
N ILE D 15 19.35 6.91 -1.46
CA ILE D 15 19.50 8.36 -1.38
C ILE D 15 19.04 8.91 -2.71
N VAL D 16 18.35 10.03 -2.67
CA VAL D 16 17.85 10.60 -3.89
C VAL D 16 18.16 12.10 -3.96
N VAL D 17 18.50 12.57 -5.14
CA VAL D 17 18.80 13.98 -5.32
C VAL D 17 17.67 14.67 -6.08
N ILE D 18 17.15 15.76 -5.51
CA ILE D 18 16.06 16.49 -6.13
C ILE D 18 16.62 17.47 -7.15
N HIS D 19 16.09 17.42 -8.37
CA HIS D 19 16.52 18.33 -9.43
C HIS D 19 15.99 19.75 -9.14
N PRO D 20 16.90 20.74 -9.09
CA PRO D 20 16.58 22.15 -8.82
C PRO D 20 15.43 22.77 -9.61
N ASP D 21 15.33 22.41 -10.88
CA ASP D 21 14.31 22.98 -11.73
C ASP D 21 13.07 22.13 -11.96
N THR D 22 13.25 20.85 -12.25
CA THR D 22 12.12 19.96 -12.51
C THR D 22 11.56 19.25 -11.26
N GLY D 23 12.31 19.29 -10.16
CA GLY D 23 11.85 18.67 -8.92
C GLY D 23 11.82 17.15 -8.96
N ARG D 24 12.48 16.57 -9.96
CA ARG D 24 12.52 15.12 -10.12
C ARG D 24 13.53 14.48 -9.18
N GLU D 25 13.22 13.29 -8.68
CA GLU D 25 14.13 12.57 -7.78
C GLU D 25 15.11 11.74 -8.61
N LEU D 26 16.39 12.07 -8.53
CA LEU D 26 17.41 11.34 -9.28
C LEU D 26 18.23 10.49 -8.35
N SER D 27 18.86 9.47 -8.89
CA SER D 27 19.72 8.63 -8.07
C SER D 27 21.02 9.40 -8.08
N PRO D 28 21.94 9.05 -7.18
CA PRO D 28 23.24 9.73 -7.11
C PRO D 28 23.89 9.64 -8.49
N GLU D 29 23.75 8.48 -9.13
CA GLU D 29 24.30 8.22 -10.46
C GLU D 29 23.82 9.22 -11.52
N GLU D 30 22.50 9.36 -11.62
CA GLU D 30 21.88 10.27 -12.58
C GLU D 30 22.20 11.72 -12.26
N ALA D 31 22.38 11.99 -10.97
CA ALA D 31 22.69 13.32 -10.52
C ALA D 31 24.07 13.72 -11.01
N HIS D 32 24.98 12.75 -10.97
CA HIS D 32 26.35 12.97 -11.43
C HIS D 32 26.35 13.30 -12.92
N ARG D 33 25.63 12.50 -13.69
CA ARG D 33 25.58 12.74 -15.13
C ARG D 33 24.97 14.11 -15.43
N ALA D 34 24.13 14.61 -14.52
CA ALA D 34 23.48 15.89 -14.72
C ALA D 34 24.28 17.06 -14.10
N GLY D 35 25.49 16.76 -13.64
CA GLY D 35 26.34 17.78 -13.04
C GLY D 35 25.79 18.39 -11.77
N LEU D 36 24.90 17.68 -11.10
CA LEU D 36 24.33 18.21 -9.87
C LEU D 36 25.25 17.94 -8.70
N ILE D 37 26.08 16.92 -8.81
CA ILE D 37 27.04 16.57 -7.78
C ILE D 37 28.34 16.17 -8.45
N ASP D 38 29.45 16.19 -7.70
CA ASP D 38 30.71 15.81 -8.30
C ASP D 38 31.00 14.35 -7.99
N TRP D 39 32.09 13.85 -8.54
CA TRP D 39 32.49 12.47 -8.35
C TRP D 39 32.64 12.07 -6.89
N ASN D 40 33.26 12.91 -6.08
CA ASN D 40 33.44 12.54 -4.68
C ASN D 40 32.13 12.45 -3.95
N PHE D 42 29.27 11.76 -5.28
CA PHE D 42 28.65 10.56 -5.83
C PHE D 42 29.16 9.37 -5.02
N VAL D 43 30.48 9.24 -4.92
CA VAL D 43 31.11 8.19 -4.14
C VAL D 43 30.51 8.20 -2.73
N LYS D 44 30.68 9.34 -2.06
CA LYS D 44 30.16 9.57 -0.73
C LYS D 44 28.74 9.00 -0.58
N LEU D 45 27.81 9.54 -1.34
CA LEU D 45 26.42 9.07 -1.27
C LEU D 45 26.26 7.58 -1.45
N ARG D 46 27.01 7.01 -2.40
CA ARG D 46 26.91 5.57 -2.64
C ARG D 46 27.35 4.79 -1.43
N SER D 47 28.43 5.23 -0.81
CA SER D 47 28.97 4.56 0.36
C SER D 47 27.91 4.45 1.46
N GLN D 48 26.82 5.19 1.33
CA GLN D 48 25.79 5.16 2.34
C GLN D 48 24.65 4.19 2.04
N GLU D 49 24.43 3.93 0.77
CA GLU D 49 23.37 3.03 0.34
C GLU D 49 23.70 1.56 0.59
N CYS D 50 22.65 0.78 0.81
CA CYS D 50 22.81 -0.65 1.04
C CYS D 50 21.44 -1.30 0.91
N ASP D 51 21.43 -2.57 0.52
CA ASP D 51 20.19 -3.29 0.30
C ASP D 51 20.42 -4.71 0.80
N TRP D 52 19.67 -5.12 1.81
CA TRP D 52 19.81 -6.46 2.35
C TRP D 52 18.47 -7.13 2.45
N GLU D 53 18.46 -8.42 2.13
CA GLU D 53 17.25 -9.20 2.21
C GLU D 53 17.60 -10.60 2.72
N GLU D 54 16.88 -11.03 3.75
CA GLU D 54 17.06 -12.33 4.34
C GLU D 54 15.74 -13.00 4.01
N ILE D 55 15.80 -14.24 3.53
CA ILE D 55 14.57 -14.95 3.17
C ILE D 55 14.56 -16.35 3.77
N SER D 56 13.54 -16.62 4.58
CA SER D 56 13.45 -17.92 5.21
C SER D 56 12.41 -18.83 4.60
N VAL D 57 12.86 -20.01 4.18
CA VAL D 57 11.95 -21.00 3.63
C VAL D 57 11.59 -21.88 4.82
N LYS D 58 10.32 -21.90 5.20
CA LYS D 58 9.88 -22.73 6.31
C LYS D 58 8.95 -23.76 5.69
N GLY D 59 9.17 -25.04 5.98
CA GLY D 59 8.32 -26.06 5.38
C GLY D 59 7.88 -27.25 6.21
N PRO D 60 7.68 -28.41 5.55
CA PRO D 60 7.25 -29.67 6.15
C PRO D 60 8.06 -30.06 7.37
N ASN D 61 9.38 -29.98 7.21
CA ASN D 61 10.33 -30.30 8.28
C ASN D 61 10.82 -29.08 9.06
N GLY D 62 11.74 -28.30 8.48
CA GLY D 62 12.26 -27.12 9.17
C GLY D 62 12.57 -25.95 8.25
N GLU D 63 13.37 -25.01 8.75
CA GLU D 63 13.72 -23.82 7.97
C GLU D 63 15.12 -23.76 7.37
N SER D 64 15.15 -23.20 6.15
CA SER D 64 16.36 -22.98 5.39
C SER D 64 16.48 -21.46 5.40
N SER D 65 17.69 -20.91 5.39
CA SER D 65 17.79 -19.45 5.43
C SER D 65 19.00 -18.88 4.69
N VAL D 66 18.72 -17.93 3.81
CA VAL D 66 19.75 -17.29 3.02
C VAL D 66 19.57 -15.77 3.08
N ILE D 67 20.64 -15.04 3.38
CA ILE D 67 20.58 -13.59 3.42
C ILE D 67 21.36 -13.06 2.22
N HIS D 68 20.74 -12.16 1.47
CA HIS D 68 21.37 -11.61 0.28
C HIS D 68 21.73 -10.14 0.41
N ASP D 69 22.86 -9.79 -0.19
CA ASP D 69 23.35 -8.43 -0.25
C ASP D 69 22.97 -8.02 -1.67
N ARG D 70 21.89 -7.26 -1.80
CA ARG D 70 21.43 -6.83 -3.12
C ARG D 70 22.38 -5.84 -3.81
N LYS D 71 23.15 -5.12 -3.02
CA LYS D 71 24.08 -4.15 -3.56
C LYS D 71 25.35 -4.77 -4.12
N SER D 72 25.98 -5.67 -3.36
CA SER D 72 27.22 -6.33 -3.79
C SER D 72 26.98 -7.62 -4.57
N GLY D 73 25.78 -8.17 -4.47
CA GLY D 73 25.45 -9.40 -5.19
C GLY D 73 25.81 -10.69 -4.47
N LYS D 74 26.46 -10.56 -3.32
CA LYS D 74 26.87 -11.73 -2.56
C LYS D 74 25.72 -12.32 -1.74
N LYS D 75 25.80 -13.62 -1.46
CA LYS D 75 24.79 -14.30 -0.66
C LYS D 75 25.46 -15.10 0.45
N PHE D 76 24.73 -15.36 1.52
CA PHE D 76 25.29 -16.11 2.62
C PHE D 76 24.23 -17.07 3.13
N SER D 77 24.66 -18.30 3.38
CA SER D 77 23.77 -19.32 3.89
C SER D 77 23.83 -19.19 5.40
N ILE D 78 22.67 -19.23 6.04
CA ILE D 78 22.64 -19.11 7.48
C ILE D 78 23.25 -20.35 8.14
N GLU D 79 22.82 -21.52 7.70
CA GLU D 79 23.33 -22.77 8.25
C GLU D 79 24.84 -22.86 8.12
N GLU D 80 25.33 -22.46 6.96
CA GLU D 80 26.76 -22.49 6.72
C GLU D 80 27.45 -21.56 7.68
N ALA D 81 26.76 -20.48 8.04
CA ALA D 81 27.30 -19.50 8.97
C ALA D 81 27.35 -20.08 10.39
N LEU D 82 26.30 -20.79 10.78
CA LEU D 82 26.27 -21.42 12.09
C LEU D 82 27.39 -22.44 12.14
N GLN D 83 27.42 -23.30 11.14
CA GLN D 83 28.44 -24.33 11.04
C GLN D 83 29.83 -23.71 11.13
N SER D 84 30.19 -22.86 10.16
CA SER D 84 31.51 -22.23 10.17
C SER D 84 31.72 -21.37 11.42
N GLY D 85 30.66 -21.20 12.21
CA GLY D 85 30.79 -20.45 13.45
C GLY D 85 30.67 -18.93 13.41
N ARG D 86 30.74 -18.30 12.24
CA ARG D 86 30.61 -16.85 12.16
C ARG D 86 29.34 -16.39 12.88
N LEU D 87 28.36 -17.29 12.97
CA LEU D 87 27.11 -16.99 13.64
C LEU D 87 26.94 -18.01 14.75
N THR D 88 26.52 -17.54 15.91
CA THR D 88 26.33 -18.42 17.05
C THR D 88 24.82 -18.62 17.27
N PRO D 89 24.41 -19.87 17.60
CA PRO D 89 22.98 -20.11 17.82
C PRO D 89 22.35 -19.12 18.78
N ALA D 90 23.18 -18.46 19.60
CA ALA D 90 22.70 -17.47 20.56
C ALA D 90 22.22 -16.25 19.77
N GLN D 91 23.04 -15.85 18.80
CA GLN D 91 22.73 -14.72 17.96
C GLN D 91 21.59 -15.05 17.02
N TYR D 92 21.67 -16.20 16.37
CA TYR D 92 20.62 -16.60 15.45
C TYR D 92 19.23 -16.53 16.10
N ASP D 93 19.13 -16.95 17.35
CA ASP D 93 17.83 -16.93 18.01
C ASP D 93 17.24 -15.54 18.15
N ARG D 94 18.10 -14.56 18.43
CA ARG D 94 17.64 -13.19 18.57
C ARG D 94 16.92 -12.78 17.29
N TYR D 95 17.61 -12.91 16.16
CA TYR D 95 17.03 -12.56 14.87
C TYR D 95 15.74 -13.31 14.68
N VAL D 96 15.79 -14.62 14.88
CA VAL D 96 14.61 -15.44 14.73
C VAL D 96 13.50 -14.84 15.59
N ASN D 97 13.83 -14.48 16.81
CA ASN D 97 12.86 -13.89 17.72
C ASN D 97 12.65 -12.40 17.48
N LYS D 98 12.96 -11.94 16.27
CA LYS D 98 12.79 -10.55 15.89
C LYS D 98 13.36 -9.52 16.84
N ASP D 99 14.56 -9.76 17.36
CA ASP D 99 15.20 -8.82 18.26
C ASP D 99 16.58 -8.42 17.79
N SER D 101 18.41 -6.91 14.17
CA SER D 101 18.04 -6.34 12.87
C SER D 101 18.72 -6.97 11.67
N ILE D 102 18.00 -6.94 10.54
CA ILE D 102 18.45 -7.48 9.27
C ILE D 102 19.90 -7.12 8.99
N GLN D 103 20.25 -5.86 9.26
CA GLN D 103 21.61 -5.37 9.05
C GLN D 103 22.54 -6.03 10.06
N GLU D 104 22.15 -6.00 11.33
CA GLU D 104 22.98 -6.60 12.36
C GLU D 104 23.42 -7.99 11.92
N LEU D 105 22.44 -8.81 11.55
CA LEU D 105 22.69 -10.18 11.10
C LEU D 105 23.65 -10.21 9.92
N ALA D 106 23.46 -9.26 9.01
CA ALA D 106 24.33 -9.17 7.84
C ALA D 106 25.77 -9.01 8.28
N VAL D 107 26.02 -8.03 9.15
CA VAL D 107 27.37 -7.77 9.65
C VAL D 107 28.04 -9.00 10.23
N LEU D 108 27.25 -9.84 10.87
CA LEU D 108 27.74 -11.07 11.48
C LEU D 108 28.22 -12.10 10.47
N VAL D 109 27.36 -12.43 9.51
CA VAL D 109 27.70 -13.43 8.50
C VAL D 109 28.71 -13.01 7.44
N SER D 110 28.81 -11.71 7.17
CA SER D 110 29.78 -11.22 6.18
C SER D 110 30.93 -10.49 6.86
#